data_9CBB
#
_entry.id   9CBB
#
_cell.length_a   1.00
_cell.length_b   1.00
_cell.length_c   1.00
_cell.angle_alpha   90.00
_cell.angle_beta   90.00
_cell.angle_gamma   90.00
#
_symmetry.space_group_name_H-M   'P 1'
#
loop_
_entity.id
_entity.type
_entity.pdbx_description
1 polymer 'Soluble cytochrome b562,Solute carrier family 2, facilitated glucose transporter member 9'
2 non-polymer 'URIC ACID'
#
_entity_poly.entity_id   1
_entity_poly.type   'polypeptide(L)'
_entity_poly.pdbx_seq_one_letter_code
;MASDYKDDDDKGALEVLFQGPSSPMADLEDNWETLNDNLKVIEKADNAAQVKDALTKMRAAALDAQKATPPKLEDKSPDS
PEMKDFRHGFDILVGQIDDALKLANEGKVKEAQAAAEQLKTTRNAYIQKYLSCSLLVASLAGAFGSSFLYGYNLSVVNAP
TPYIKAFYNESWERRHGRPIDPDTLTLLWSVTVSIFAIGGLVGTLIVKMIGKVLGRKHTLLANNGFAISAALLMACSLQA
GAFEMLIVGRFIMGIDGGVALSVLPMYLSEISPKEIRGSLGQVTAIFICIGVFTGQLLGLPELLGKESTWPYLFGVIVVP
AVVQLLSLPFLPDSPRYLLLEKHNEARAVKAFQTFLGKADVSQEVEEVLAESRVQRSIRLVSVLELLRAPYVRWQVVTVI
VTMACYQLCGLNAIWFYTNSIFGKAGIPPAKIPYVTLSTGGIETLAAVFSGLVIEHLGRRPLLIGGFGLMGLFFGTLTIT
LTLQDHAPWVPYLSIVGILAIIASFCSGPGGIPFILTGEFFQQSQRPAAFIIAGTVNWLSNFAVGLLFPFIQKSLDTYCF
LVFATICITGAIYLYFVLPETKNRTYAEISQAFSKRNKAYPPEEKIDSAVTDGKINGRPGLVPRGSSAHHHHHHHHHHGA
;
_entity_poly.pdbx_strand_id   A
#
# COMPACT_ATOMS: atom_id res chain seq x y z
N SER A 132 15.51 2.75 24.06
CA SER A 132 14.97 3.79 24.92
C SER A 132 13.49 3.99 24.66
N CYS A 133 12.73 4.25 25.73
CA CYS A 133 11.31 4.53 25.57
C CYS A 133 11.07 5.80 24.78
N SER A 134 11.94 6.80 24.95
CA SER A 134 11.80 8.03 24.18
C SER A 134 12.04 7.78 22.69
N LEU A 135 12.83 6.77 22.35
CA LEU A 135 13.05 6.43 20.94
C LEU A 135 11.86 5.68 20.35
N LEU A 136 10.99 5.11 21.18
CA LEU A 136 9.85 4.37 20.65
C LEU A 136 8.92 5.28 19.86
N VAL A 137 8.71 6.51 20.34
CA VAL A 137 7.91 7.46 19.59
C VAL A 137 8.73 8.09 18.47
N ALA A 138 10.04 8.23 18.66
CA ALA A 138 10.90 8.71 17.59
C ALA A 138 10.92 7.71 16.43
N SER A 139 11.03 6.42 16.75
CA SER A 139 10.94 5.40 15.71
C SER A 139 9.55 5.39 15.08
N LEU A 140 8.52 5.67 15.88
CA LEU A 140 7.17 5.79 15.34
C LEU A 140 7.09 6.94 14.34
N ALA A 141 7.71 8.08 14.67
CA ALA A 141 7.78 9.18 13.72
C ALA A 141 8.67 8.83 12.54
N GLY A 142 9.70 8.01 12.76
CA GLY A 142 10.55 7.60 11.66
C GLY A 142 9.80 6.77 10.63
N ALA A 143 8.81 5.98 11.07
CA ALA A 143 7.96 5.22 10.18
C ALA A 143 6.69 5.97 9.80
N PHE A 144 6.52 7.22 10.25
CA PHE A 144 5.29 7.95 10.01
C PHE A 144 5.25 8.53 8.60
N GLY A 145 6.22 9.39 8.27
CA GLY A 145 6.14 10.13 7.02
C GLY A 145 6.17 9.26 5.78
N SER A 146 6.94 8.17 5.82
CA SER A 146 6.99 7.27 4.67
C SER A 146 5.65 6.57 4.48
N SER A 147 5.08 6.05 5.56
CA SER A 147 3.76 5.41 5.49
C SER A 147 2.64 6.42 5.34
N PHE A 148 2.77 7.59 5.98
CA PHE A 148 1.74 8.63 5.89
C PHE A 148 1.58 9.12 4.47
N LEU A 149 2.70 9.30 3.76
CA LEU A 149 2.65 9.91 2.43
C LEU A 149 2.05 8.97 1.40
N TYR A 150 2.36 7.67 1.49
CA TYR A 150 1.83 6.73 0.51
C TYR A 150 0.32 6.66 0.58
N GLY A 151 -0.23 6.62 1.80
CA GLY A 151 -1.68 6.62 1.94
C GLY A 151 -2.32 7.91 1.48
N TYR A 152 -1.61 9.03 1.63
CA TYR A 152 -2.19 10.31 1.24
C TYR A 152 -2.43 10.38 -0.26
N ASN A 153 -1.49 9.83 -1.05
CA ASN A 153 -1.65 9.89 -2.50
C ASN A 153 -2.81 9.05 -2.99
N LEU A 154 -3.24 8.03 -2.24
CA LEU A 154 -4.36 7.21 -2.66
C LEU A 154 -5.70 7.91 -2.45
N SER A 155 -5.75 8.93 -1.59
CA SER A 155 -6.99 9.64 -1.26
C SER A 155 -7.00 11.09 -1.69
N VAL A 156 -5.86 11.66 -2.08
CA VAL A 156 -5.84 13.04 -2.58
C VAL A 156 -6.60 13.15 -3.88
N VAL A 157 -6.73 12.06 -4.63
CA VAL A 157 -7.52 12.05 -5.85
C VAL A 157 -8.99 12.36 -5.55
N ASN A 158 -9.43 12.06 -4.33
CA ASN A 158 -10.86 11.98 -4.04
C ASN A 158 -11.55 13.34 -4.13
N ALA A 159 -11.01 14.34 -3.44
CA ALA A 159 -11.74 15.61 -3.32
C ALA A 159 -11.74 16.42 -4.61
N PRO A 160 -10.59 16.70 -5.26
CA PRO A 160 -10.60 17.63 -6.39
C PRO A 160 -10.92 16.98 -7.72
N THR A 161 -11.52 15.78 -7.69
CA THR A 161 -11.76 15.01 -8.91
C THR A 161 -12.51 15.77 -9.99
N PRO A 162 -13.61 16.50 -9.72
CA PRO A 162 -14.18 17.35 -10.76
C PRO A 162 -13.45 18.65 -10.97
N TYR A 163 -12.69 19.12 -9.98
CA TYR A 163 -12.02 20.41 -10.10
C TYR A 163 -10.83 20.33 -11.05
N ILE A 164 -10.04 19.26 -10.94
CA ILE A 164 -8.91 19.09 -11.86
C ILE A 164 -9.41 18.83 -13.27
N LYS A 165 -10.54 18.11 -13.40
CA LYS A 165 -11.10 17.87 -14.73
C LYS A 165 -11.53 19.18 -15.38
N ALA A 166 -12.11 20.09 -14.60
CA ALA A 166 -12.40 21.41 -15.14
C ALA A 166 -11.13 22.16 -15.49
N PHE A 167 -10.11 22.07 -14.63
CA PHE A 167 -8.81 22.64 -14.94
C PHE A 167 -8.19 21.97 -16.15
N TYR A 168 -8.44 20.67 -16.33
CA TYR A 168 -8.04 20.01 -17.58
C TYR A 168 -8.77 20.61 -18.77
N ASN A 169 -9.99 21.09 -18.57
CA ASN A 169 -10.71 21.71 -19.68
C ASN A 169 -10.02 23.00 -20.11
N GLU A 170 -9.53 23.79 -19.16
CA GLU A 170 -8.74 24.96 -19.50
C GLU A 170 -7.44 24.56 -20.19
N SER A 171 -6.93 23.37 -19.93
CA SER A 171 -5.86 22.78 -20.71
C SER A 171 -6.45 22.11 -21.94
N TRP A 172 -5.57 21.85 -22.92
CA TRP A 172 -5.91 21.24 -24.21
C TRP A 172 -6.70 22.16 -25.14
N GLU A 173 -7.12 23.33 -24.65
CA GLU A 173 -7.65 24.40 -25.47
C GLU A 173 -6.65 25.55 -25.61
N ARG A 174 -5.68 25.63 -24.68
CA ARG A 174 -4.73 26.73 -24.67
C ARG A 174 -3.70 26.54 -25.79
N ARG A 175 -3.22 25.30 -25.97
CA ARG A 175 -2.16 24.97 -26.92
C ARG A 175 -2.62 24.05 -28.04
N HIS A 176 -3.65 23.25 -27.81
CA HIS A 176 -4.13 22.25 -28.76
C HIS A 176 -5.57 22.56 -29.10
N GLY A 177 -5.84 23.81 -29.48
CA GLY A 177 -7.17 24.39 -29.39
C GLY A 177 -8.29 23.61 -30.06
N ARG A 178 -9.09 22.95 -29.22
CA ARG A 178 -10.30 22.24 -29.59
C ARG A 178 -10.94 21.75 -28.29
N PRO A 179 -12.27 21.67 -28.17
CA PRO A 179 -12.85 21.06 -26.97
C PRO A 179 -12.46 19.59 -26.85
N ILE A 180 -12.33 19.14 -25.60
CA ILE A 180 -11.88 17.78 -25.33
C ILE A 180 -13.08 16.85 -25.37
N ASP A 181 -12.95 15.77 -26.13
CA ASP A 181 -14.02 14.79 -26.16
C ASP A 181 -14.11 14.10 -24.79
N PRO A 182 -15.31 13.86 -24.25
CA PRO A 182 -15.39 13.19 -22.94
C PRO A 182 -14.78 11.80 -22.91
N ASP A 183 -14.71 11.10 -24.05
CA ASP A 183 -14.11 9.77 -24.06
C ASP A 183 -12.65 9.81 -23.66
N THR A 184 -11.90 10.78 -24.20
CA THR A 184 -10.48 10.92 -23.86
C THR A 184 -10.26 11.73 -22.59
N LEU A 185 -11.23 12.54 -22.17
CA LEU A 185 -11.09 13.27 -20.91
C LEU A 185 -10.95 12.30 -19.74
N THR A 186 -11.76 11.25 -19.73
CA THR A 186 -11.61 10.23 -18.70
C THR A 186 -10.31 9.47 -18.86
N LEU A 187 -9.86 9.26 -20.10
CA LEU A 187 -8.56 8.63 -20.32
C LEU A 187 -7.44 9.46 -19.72
N LEU A 188 -7.49 10.78 -19.92
CA LEU A 188 -6.44 11.65 -19.39
C LEU A 188 -6.42 11.60 -17.87
N TRP A 189 -7.58 11.58 -17.24
CA TRP A 189 -7.61 11.44 -15.79
C TRP A 189 -7.21 10.04 -15.35
N SER A 190 -7.59 9.02 -16.12
CA SER A 190 -7.28 7.65 -15.74
C SER A 190 -5.77 7.41 -15.75
N VAL A 191 -5.07 7.89 -16.77
CA VAL A 191 -3.62 7.77 -16.77
C VAL A 191 -3.01 8.67 -15.72
N THR A 192 -3.65 9.80 -15.42
CA THR A 192 -3.16 10.68 -14.37
C THR A 192 -3.18 9.97 -13.02
N VAL A 193 -4.22 9.17 -12.76
CA VAL A 193 -4.33 8.50 -11.48
C VAL A 193 -3.50 7.21 -11.46
N SER A 194 -3.50 6.46 -12.57
CA SER A 194 -2.83 5.17 -12.59
C SER A 194 -1.32 5.27 -12.72
N ILE A 195 -0.78 6.42 -13.12
CA ILE A 195 0.66 6.59 -13.22
C ILE A 195 1.33 6.49 -11.86
N PHE A 196 0.59 6.70 -10.77
CA PHE A 196 1.15 6.52 -9.43
C PHE A 196 1.62 5.09 -9.26
N ALA A 197 0.86 4.12 -9.76
CA ALA A 197 1.26 2.72 -9.65
C ALA A 197 2.56 2.47 -10.41
N ILE A 198 2.70 3.05 -11.61
CA ILE A 198 3.87 2.77 -12.44
C ILE A 198 5.14 3.24 -11.73
N GLY A 199 5.08 4.38 -11.05
CA GLY A 199 6.21 4.84 -10.28
C GLY A 199 6.56 3.89 -9.15
N GLY A 200 5.58 3.19 -8.61
CA GLY A 200 5.87 2.14 -7.64
C GLY A 200 6.59 0.97 -8.28
N LEU A 201 6.23 0.62 -9.51
CA LEU A 201 6.84 -0.53 -10.18
C LEU A 201 8.33 -0.29 -10.40
N VAL A 202 8.69 0.87 -10.95
CA VAL A 202 10.11 1.22 -11.05
C VAL A 202 10.71 1.41 -9.66
N GLY A 203 9.89 1.71 -8.66
CA GLY A 203 10.39 1.75 -7.30
C GLY A 203 10.73 0.38 -6.75
N THR A 204 10.07 -0.67 -7.26
CA THR A 204 10.49 -2.02 -6.92
C THR A 204 11.80 -2.38 -7.61
N LEU A 205 12.02 -1.89 -8.83
CA LEU A 205 13.20 -2.26 -9.59
C LEU A 205 14.42 -1.45 -9.20
N ILE A 206 14.23 -0.24 -8.67
CA ILE A 206 15.36 0.62 -8.35
C ILE A 206 16.15 0.12 -7.14
N VAL A 207 15.55 -0.71 -6.29
CA VAL A 207 16.23 -1.14 -5.07
C VAL A 207 17.41 -2.04 -5.41
N LYS A 208 17.24 -2.96 -6.36
CA LYS A 208 18.26 -3.98 -6.60
C LYS A 208 19.51 -3.43 -7.27
N MET A 209 19.48 -2.20 -7.78
CA MET A 209 20.68 -1.49 -8.21
C MET A 209 21.23 -0.56 -7.12
N ILE A 210 20.37 0.31 -6.59
CA ILE A 210 20.83 1.33 -5.65
C ILE A 210 21.25 0.71 -4.34
N GLY A 211 20.64 -0.41 -3.95
CA GLY A 211 20.88 -0.97 -2.63
C GLY A 211 22.29 -1.47 -2.42
N LYS A 212 23.03 -1.77 -3.49
CA LYS A 212 24.33 -2.40 -3.32
C LYS A 212 25.39 -1.42 -2.83
N VAL A 213 25.23 -0.13 -3.14
CA VAL A 213 26.24 0.88 -2.84
C VAL A 213 25.71 1.97 -1.91
N LEU A 214 24.48 2.43 -2.12
CA LEU A 214 23.88 3.37 -1.17
C LEU A 214 23.50 2.66 0.13
N GLY A 215 23.54 3.43 1.23
CA GLY A 215 23.20 2.91 2.53
C GLY A 215 21.70 2.95 2.82
N ARG A 216 21.32 2.28 3.92
CA ARG A 216 19.90 2.10 4.21
C ARG A 216 19.24 3.43 4.53
N LYS A 217 19.82 4.18 5.46
CA LYS A 217 19.32 5.54 5.73
C LYS A 217 19.57 6.45 4.54
N HIS A 218 20.65 6.22 3.79
CA HIS A 218 20.94 7.02 2.62
C HIS A 218 19.86 6.85 1.56
N THR A 219 19.42 5.61 1.34
CA THR A 219 18.27 5.39 0.46
C THR A 219 17.01 6.01 1.05
N LEU A 220 16.84 5.89 2.37
CA LEU A 220 15.71 6.55 3.02
C LEU A 220 15.89 8.06 3.07
N LEU A 221 17.13 8.55 2.95
CA LEU A 221 17.34 9.98 2.78
C LEU A 221 16.88 10.46 1.41
N ALA A 222 16.98 9.60 0.39
CA ALA A 222 16.74 10.05 -0.98
C ALA A 222 15.28 10.41 -1.22
N ASN A 223 14.35 9.58 -0.74
CA ASN A 223 12.94 9.82 -1.03
C ASN A 223 12.44 11.14 -0.46
N ASN A 224 13.11 11.67 0.57
CA ASN A 224 12.78 13.00 1.05
C ASN A 224 13.00 14.04 -0.05
N GLY A 225 14.11 13.92 -0.78
CA GLY A 225 14.33 14.81 -1.90
C GLY A 225 13.32 14.61 -3.02
N PHE A 226 13.02 13.36 -3.33
CA PHE A 226 12.01 13.08 -4.36
C PHE A 226 10.64 13.62 -3.94
N ALA A 227 10.30 13.49 -2.67
CA ALA A 227 9.01 13.99 -2.20
C ALA A 227 8.92 15.50 -2.35
N ILE A 228 9.96 16.22 -1.97
CA ILE A 228 9.95 17.67 -2.07
C ILE A 228 9.90 18.10 -3.53
N SER A 229 10.71 17.45 -4.38
CA SER A 229 10.70 17.79 -5.80
C SER A 229 9.35 17.49 -6.42
N ALA A 230 8.72 16.40 -6.01
CA ALA A 230 7.37 16.10 -6.50
C ALA A 230 6.38 17.15 -6.06
N ALA A 231 6.48 17.60 -4.81
CA ALA A 231 5.53 18.58 -4.30
C ALA A 231 5.65 19.92 -5.03
N LEU A 232 6.88 20.37 -5.28
CA LEU A 232 7.06 21.66 -5.94
C LEU A 232 6.49 21.64 -7.36
N LEU A 233 6.65 20.52 -8.06
CA LEU A 233 5.99 20.39 -9.35
C LEU A 233 4.48 20.46 -9.21
N MET A 234 3.94 19.85 -8.15
CA MET A 234 2.52 19.97 -7.89
C MET A 234 2.14 21.40 -7.54
N ALA A 235 2.95 22.06 -6.71
CA ALA A 235 2.67 23.45 -6.36
C ALA A 235 2.72 24.35 -7.58
N CYS A 236 3.51 23.99 -8.58
CA CYS A 236 3.61 24.74 -9.82
C CYS A 236 2.49 24.38 -10.81
N SER A 237 1.58 23.47 -10.44
CA SER A 237 0.56 23.03 -11.37
C SER A 237 -0.35 24.17 -11.80
N LEU A 238 -0.79 24.99 -10.84
CA LEU A 238 -1.62 26.14 -11.17
C LEU A 238 -0.79 27.34 -11.60
N GLN A 239 0.48 27.41 -11.20
CA GLN A 239 1.35 28.48 -11.67
C GLN A 239 1.53 28.41 -13.18
N ALA A 240 1.72 27.21 -13.71
CA ALA A 240 1.79 26.98 -15.14
C ALA A 240 0.38 26.76 -15.69
N GLY A 241 0.29 26.61 -17.01
CA GLY A 241 -0.98 26.38 -17.69
C GLY A 241 -1.02 25.08 -18.45
N ALA A 242 -0.22 24.10 -18.03
CA ALA A 242 -0.10 22.81 -18.69
C ALA A 242 -0.49 21.69 -17.74
N PHE A 243 -0.72 20.52 -18.33
CA PHE A 243 -1.02 19.31 -17.59
C PHE A 243 0.22 18.44 -17.36
N GLU A 244 1.38 18.85 -17.87
CA GLU A 244 2.56 17.99 -17.86
C GLU A 244 3.02 17.72 -16.43
N MET A 245 3.16 18.78 -15.63
CA MET A 245 3.75 18.63 -14.30
C MET A 245 2.92 17.75 -13.39
N LEU A 246 1.59 17.72 -13.58
CA LEU A 246 0.77 16.87 -12.74
C LEU A 246 1.06 15.39 -13.01
N ILE A 247 1.22 15.01 -14.29
CA ILE A 247 1.45 13.61 -14.62
C ILE A 247 2.87 13.21 -14.25
N VAL A 248 3.86 13.93 -14.79
CA VAL A 248 5.24 13.58 -14.51
C VAL A 248 5.58 13.85 -13.05
N GLY A 249 4.99 14.89 -12.46
CA GLY A 249 5.23 15.16 -11.05
C GLY A 249 4.73 14.04 -10.16
N ARG A 250 3.57 13.46 -10.52
CA ARG A 250 3.06 12.35 -9.75
C ARG A 250 3.91 11.10 -9.93
N PHE A 251 4.64 10.99 -11.05
CA PHE A 251 5.64 9.95 -11.18
C PHE A 251 6.68 10.05 -10.08
N ILE A 252 7.05 11.29 -9.73
CA ILE A 252 8.00 11.50 -8.64
C ILE A 252 7.33 11.26 -7.29
N MET A 253 5.99 11.33 -7.23
CA MET A 253 5.28 10.81 -6.08
C MET A 253 5.21 9.29 -6.11
N GLY A 254 5.18 8.71 -7.31
CA GLY A 254 5.11 7.26 -7.42
C GLY A 254 6.37 6.57 -6.94
N ILE A 255 7.54 7.14 -7.25
CA ILE A 255 8.78 6.58 -6.74
C ILE A 255 8.83 6.66 -5.23
N ASP A 256 8.22 7.69 -4.64
CA ASP A 256 8.06 7.74 -3.20
C ASP A 256 7.02 6.76 -2.68
N GLY A 257 6.19 6.20 -3.55
CA GLY A 257 5.41 5.03 -3.22
C GLY A 257 6.16 3.73 -3.37
N GLY A 258 7.44 3.80 -3.73
CA GLY A 258 8.28 2.67 -4.03
C GLY A 258 9.21 2.39 -2.86
N VAL A 259 10.43 2.93 -2.91
CA VAL A 259 11.43 2.71 -1.87
C VAL A 259 10.90 3.03 -0.47
N ALA A 260 9.96 3.96 -0.37
CA ALA A 260 9.36 4.24 0.93
C ALA A 260 8.67 3.00 1.49
N LEU A 261 7.88 2.31 0.64
CA LEU A 261 7.23 1.05 1.02
C LEU A 261 7.97 -0.16 0.47
N SER A 262 9.27 -0.04 0.21
CA SER A 262 10.11 -1.19 -0.14
C SER A 262 11.36 -1.20 0.72
N VAL A 263 11.82 -0.03 1.15
CA VAL A 263 12.85 0.03 2.18
C VAL A 263 12.23 -0.28 3.54
N LEU A 264 11.30 0.57 3.99
CA LEU A 264 10.70 0.53 5.32
C LEU A 264 10.31 -0.86 5.81
N PRO A 265 9.36 -1.56 5.15
CA PRO A 265 8.59 -2.61 5.86
C PRO A 265 9.41 -3.73 6.50
N MET A 266 10.46 -4.22 5.83
CA MET A 266 11.32 -5.24 6.41
C MET A 266 12.62 -4.68 6.96
N TYR A 267 12.88 -3.38 6.81
CA TYR A 267 14.15 -2.80 7.23
C TYR A 267 13.98 -1.78 8.35
N LEU A 268 12.75 -1.39 8.69
CA LEU A 268 12.55 -0.60 9.90
C LEU A 268 12.57 -1.48 11.14
N SER A 269 12.66 -2.80 10.98
CA SER A 269 12.46 -3.74 12.08
C SER A 269 13.63 -3.67 13.04
N GLU A 270 13.75 -2.55 13.75
CA GLU A 270 14.79 -2.33 14.75
C GLU A 270 14.21 -1.75 16.03
N ILE A 271 12.95 -2.09 16.32
CA ILE A 271 12.40 -1.75 17.62
C ILE A 271 13.18 -2.50 18.71
N SER A 272 13.11 -1.98 19.93
CA SER A 272 13.95 -2.53 20.99
C SER A 272 13.62 -3.99 21.32
N PRO A 273 12.36 -4.38 21.56
CA PRO A 273 12.07 -5.82 21.72
C PRO A 273 12.04 -6.53 20.38
N LYS A 274 12.82 -7.60 20.27
CA LYS A 274 12.88 -8.41 19.06
C LYS A 274 11.77 -9.44 18.97
N GLU A 275 11.02 -9.69 20.05
CA GLU A 275 9.97 -10.69 20.06
C GLU A 275 8.61 -10.14 19.65
N ILE A 276 8.42 -8.83 19.69
CA ILE A 276 7.13 -8.22 19.36
C ILE A 276 7.07 -7.77 17.90
N ARG A 277 8.01 -8.21 17.06
CA ARG A 277 8.11 -7.68 15.69
C ARG A 277 6.83 -7.86 14.89
N GLY A 278 6.00 -8.85 15.26
CA GLY A 278 4.70 -8.99 14.62
C GLY A 278 3.83 -7.75 14.75
N SER A 279 4.00 -6.98 15.83
CA SER A 279 3.25 -5.74 15.97
C SER A 279 3.65 -4.75 14.89
N LEU A 280 4.95 -4.66 14.59
CA LEU A 280 5.44 -3.72 13.60
C LEU A 280 4.82 -3.96 12.23
N GLY A 281 4.44 -5.20 11.96
CA GLY A 281 3.66 -5.51 10.78
C GLY A 281 2.41 -4.64 10.70
N GLN A 282 1.64 -4.59 11.78
CA GLN A 282 0.41 -3.80 11.77
C GLN A 282 0.68 -2.32 12.04
N VAL A 283 1.75 -1.99 12.78
CA VAL A 283 2.10 -0.58 12.99
C VAL A 283 2.35 0.11 11.66
N THR A 284 3.02 -0.59 10.74
CA THR A 284 3.17 -0.02 9.39
C THR A 284 1.81 0.16 8.74
N ALA A 285 0.90 -0.79 8.96
CA ALA A 285 -0.39 -0.75 8.27
C ALA A 285 -1.33 0.32 8.83
N ILE A 286 -1.29 0.58 10.13
CA ILE A 286 -2.23 1.54 10.70
C ILE A 286 -1.99 2.93 10.15
N PHE A 287 -0.72 3.32 9.97
CA PHE A 287 -0.44 4.66 9.46
C PHE A 287 -0.89 4.84 8.02
N ILE A 288 -1.06 3.75 7.28
CA ILE A 288 -1.65 3.86 5.96
C ILE A 288 -3.10 4.29 6.08
N CYS A 289 -3.78 3.84 7.13
CA CYS A 289 -5.16 4.24 7.36
C CYS A 289 -5.27 5.74 7.57
N ILE A 290 -4.43 6.29 8.45
CA ILE A 290 -4.48 7.73 8.71
C ILE A 290 -4.08 8.51 7.47
N GLY A 291 -3.10 8.01 6.72
CA GLY A 291 -2.72 8.67 5.48
C GLY A 291 -3.89 8.78 4.52
N VAL A 292 -4.67 7.71 4.40
CA VAL A 292 -5.89 7.78 3.62
C VAL A 292 -6.93 8.65 4.32
N PHE A 293 -7.00 8.55 5.65
CA PHE A 293 -8.05 9.26 6.38
C PHE A 293 -7.85 10.77 6.31
N THR A 294 -6.61 11.24 6.39
CA THR A 294 -6.36 12.68 6.29
C THR A 294 -6.68 13.23 4.91
N GLY A 295 -6.68 12.39 3.88
CA GLY A 295 -7.04 12.87 2.55
C GLY A 295 -8.46 13.40 2.51
N GLN A 296 -9.40 12.69 3.11
CA GLN A 296 -10.77 13.18 3.17
C GLN A 296 -10.89 14.37 4.11
N LEU A 297 -10.17 14.34 5.23
CA LEU A 297 -10.22 15.47 6.17
C LEU A 297 -9.72 16.75 5.52
N LEU A 298 -8.61 16.68 4.79
CA LEU A 298 -8.04 17.86 4.16
C LEU A 298 -8.66 18.17 2.81
N GLY A 299 -9.56 17.33 2.31
CA GLY A 299 -10.29 17.57 1.09
C GLY A 299 -11.72 18.03 1.30
N LEU A 300 -12.09 18.43 2.52
CA LEU A 300 -13.45 18.82 2.80
C LEU A 300 -13.79 20.13 2.09
N PRO A 301 -15.08 20.43 1.92
CA PRO A 301 -15.48 21.72 1.34
C PRO A 301 -15.35 22.92 2.27
N GLU A 302 -14.76 22.76 3.44
CA GLU A 302 -14.55 23.84 4.39
C GLU A 302 -13.08 24.07 4.74
N LEU A 303 -12.26 23.02 4.79
CA LEU A 303 -10.89 23.18 5.26
C LEU A 303 -9.96 23.68 4.15
N LEU A 304 -9.76 22.87 3.10
CA LEU A 304 -8.88 23.24 1.99
C LEU A 304 -9.43 22.95 0.61
N GLY A 305 -10.37 22.02 0.45
CA GLY A 305 -10.83 21.66 -0.88
C GLY A 305 -11.95 22.56 -1.35
N LYS A 306 -11.61 23.58 -2.13
CA LYS A 306 -12.55 24.56 -2.65
C LYS A 306 -12.51 24.51 -4.17
N GLU A 307 -13.21 25.45 -4.80
CA GLU A 307 -13.07 25.61 -6.25
C GLU A 307 -11.67 26.08 -6.60
N SER A 308 -11.06 26.89 -5.73
CA SER A 308 -9.68 27.33 -5.85
C SER A 308 -8.86 26.73 -4.72
N THR A 309 -7.58 27.12 -4.65
CA THR A 309 -6.64 26.68 -3.62
C THR A 309 -6.36 25.18 -3.65
N TRP A 310 -6.79 24.48 -4.69
CA TRP A 310 -6.52 23.05 -4.83
C TRP A 310 -5.04 22.72 -5.01
N PRO A 311 -4.17 23.59 -5.56
CA PRO A 311 -2.74 23.26 -5.48
C PRO A 311 -2.23 23.10 -4.06
N TYR A 312 -2.77 23.87 -3.11
CA TYR A 312 -2.37 23.70 -1.73
C TYR A 312 -2.87 22.38 -1.14
N LEU A 313 -3.95 21.82 -1.68
CA LEU A 313 -4.33 20.48 -1.28
C LEU A 313 -3.25 19.47 -1.65
N PHE A 314 -2.62 19.66 -2.80
CA PHE A 314 -1.42 18.89 -3.13
C PHE A 314 -0.18 19.43 -2.42
N GLY A 315 -0.10 20.75 -2.24
CA GLY A 315 1.07 21.36 -1.65
C GLY A 315 1.21 21.18 -0.16
N VAL A 316 0.17 20.67 0.51
CA VAL A 316 0.27 20.34 1.93
C VAL A 316 1.14 19.11 2.17
N ILE A 317 1.54 18.40 1.11
CA ILE A 317 2.40 17.24 1.27
C ILE A 317 3.83 17.59 1.63
N VAL A 318 4.18 18.88 1.65
CA VAL A 318 5.53 19.29 2.02
C VAL A 318 5.79 19.04 3.50
N VAL A 319 4.87 19.48 4.36
CA VAL A 319 5.13 19.44 5.81
C VAL A 319 5.31 18.01 6.33
N PRO A 320 4.54 16.99 5.92
CA PRO A 320 4.91 15.65 6.36
C PRO A 320 6.26 15.20 5.84
N ALA A 321 6.67 15.63 4.65
CA ALA A 321 7.96 15.21 4.11
C ALA A 321 9.11 15.77 4.94
N VAL A 322 9.06 17.07 5.26
CA VAL A 322 10.16 17.68 6.01
C VAL A 322 10.20 17.11 7.43
N VAL A 323 9.05 16.76 7.98
CA VAL A 323 9.01 16.16 9.32
C VAL A 323 9.79 14.86 9.32
N GLN A 324 9.58 14.02 8.30
CA GLN A 324 10.40 12.83 8.16
C GLN A 324 11.86 13.21 7.95
N LEU A 325 12.10 14.25 7.15
CA LEU A 325 13.47 14.73 6.96
C LEU A 325 14.05 15.27 8.26
N LEU A 326 13.22 15.90 9.09
CA LEU A 326 13.71 16.41 10.37
C LEU A 326 14.08 15.28 11.32
N SER A 327 13.27 14.22 11.35
CA SER A 327 13.51 13.11 12.26
C SER A 327 14.63 12.19 11.79
N LEU A 328 14.98 12.22 10.51
CA LEU A 328 15.99 11.29 10.01
C LEU A 328 17.37 11.54 10.62
N PRO A 329 17.88 12.77 10.72
CA PRO A 329 19.05 12.97 11.59
C PRO A 329 18.77 12.62 13.03
N PHE A 330 17.54 12.84 13.50
CA PHE A 330 17.18 12.48 14.87
C PHE A 330 17.23 10.97 15.05
N LEU A 331 16.88 10.21 14.02
CA LEU A 331 17.04 8.76 14.05
C LEU A 331 18.51 8.43 13.88
N PRO A 332 19.16 7.68 14.81
CA PRO A 332 20.62 7.54 14.73
C PRO A 332 21.13 6.81 13.48
N ASP A 333 20.74 5.56 13.29
CA ASP A 333 21.33 4.72 12.24
C ASP A 333 20.56 3.40 12.18
N SER A 334 21.04 2.48 11.34
CA SER A 334 20.52 1.12 11.25
C SER A 334 21.49 0.18 11.94
N PRO A 335 21.19 -0.35 13.13
CA PRO A 335 22.20 -1.16 13.85
C PRO A 335 22.68 -2.42 13.13
N ARG A 336 21.85 -3.12 12.35
CA ARG A 336 22.36 -4.28 11.63
C ARG A 336 23.00 -3.95 10.29
N TYR A 337 22.90 -2.71 9.82
CA TYR A 337 23.52 -2.37 8.54
C TYR A 337 25.02 -2.13 8.70
N LEU A 338 25.40 -1.24 9.62
CA LEU A 338 26.81 -0.91 9.79
C LEU A 338 27.64 -2.08 10.28
N LEU A 339 27.02 -3.10 10.87
CA LEU A 339 27.77 -4.25 11.36
C LEU A 339 28.23 -5.15 10.21
N LEU A 340 27.37 -5.40 9.24
CA LEU A 340 27.68 -6.31 8.14
C LEU A 340 28.33 -5.62 6.94
N GLU A 341 28.09 -4.32 6.77
CA GLU A 341 28.61 -3.57 5.63
C GLU A 341 29.79 -2.67 6.01
N LYS A 342 29.61 -1.79 6.99
CA LYS A 342 30.65 -0.84 7.33
C LYS A 342 31.70 -1.43 8.26
N HIS A 343 31.37 -2.49 8.99
CA HIS A 343 32.28 -3.10 9.97
C HIS A 343 32.69 -2.07 11.01
N ASN A 344 31.69 -1.59 11.74
CA ASN A 344 31.78 -0.41 12.60
C ASN A 344 31.21 -0.72 13.98
N GLU A 345 31.69 -1.81 14.59
CA GLU A 345 31.13 -2.28 15.85
C GLU A 345 31.29 -1.25 16.97
N ALA A 346 32.31 -0.40 16.89
CA ALA A 346 32.53 0.58 17.95
C ALA A 346 31.38 1.57 18.06
N ARG A 347 30.87 2.04 16.91
CA ARG A 347 29.69 2.91 16.91
C ARG A 347 28.40 2.12 17.08
N ALA A 348 28.38 0.84 16.69
CA ALA A 348 27.16 0.06 16.79
C ALA A 348 26.73 -0.13 18.24
N VAL A 349 27.67 -0.44 19.13
CA VAL A 349 27.32 -0.67 20.54
C VAL A 349 26.70 0.57 21.16
N LYS A 350 27.13 1.76 20.73
CA LYS A 350 26.45 2.98 21.15
C LYS A 350 25.07 3.09 20.52
N ALA A 351 24.91 2.60 19.29
CA ALA A 351 23.60 2.65 18.64
C ALA A 351 22.60 1.75 19.36
N PHE A 352 23.01 0.53 19.71
CA PHE A 352 22.09 -0.37 20.41
C PHE A 352 21.68 0.19 21.77
N GLN A 353 22.58 0.90 22.44
CA GLN A 353 22.18 1.56 23.68
C GLN A 353 21.13 2.63 23.44
N THR A 354 21.17 3.28 22.28
CA THR A 354 20.16 4.28 21.95
C THR A 354 18.82 3.61 21.68
N PHE A 355 18.80 2.52 20.93
CA PHE A 355 17.54 1.83 20.65
C PHE A 355 17.03 1.09 21.87
N LEU A 356 17.85 0.22 22.45
CA LEU A 356 17.37 -0.63 23.53
C LEU A 356 17.24 0.16 24.83
N GLY A 357 18.17 1.08 25.10
CA GLY A 357 18.15 1.81 26.35
C GLY A 357 18.59 1.00 27.55
N LYS A 358 19.39 -0.06 27.33
CA LYS A 358 19.86 -0.94 28.40
C LYS A 358 21.37 -1.07 28.31
N ALA A 359 21.99 -1.33 29.46
CA ALA A 359 23.45 -1.40 29.53
C ALA A 359 23.99 -2.73 29.00
N ASP A 360 23.22 -3.81 29.12
CA ASP A 360 23.67 -5.13 28.67
C ASP A 360 23.49 -5.21 27.16
N VAL A 361 24.61 -5.26 26.43
CA VAL A 361 24.61 -5.21 24.97
C VAL A 361 25.32 -6.41 24.35
N SER A 362 26.14 -7.14 25.10
CA SER A 362 26.98 -8.18 24.51
C SER A 362 26.15 -9.30 23.89
N GLN A 363 25.06 -9.69 24.56
CA GLN A 363 24.24 -10.78 24.04
C GLN A 363 23.52 -10.38 22.75
N GLU A 364 23.15 -9.11 22.62
CA GLU A 364 22.38 -8.66 21.45
C GLU A 364 23.25 -8.43 20.24
N VAL A 365 24.55 -8.18 20.43
CA VAL A 365 25.45 -7.98 19.30
C VAL A 365 26.05 -9.29 18.80
N GLU A 366 26.13 -10.31 19.65
CA GLU A 366 26.61 -11.61 19.21
C GLU A 366 25.55 -12.38 18.43
N GLU A 367 24.27 -12.18 18.77
CA GLU A 367 23.21 -12.91 18.07
C GLU A 367 23.03 -12.42 16.64
N VAL A 368 23.23 -11.13 16.40
CA VAL A 368 23.04 -10.61 15.04
C VAL A 368 24.09 -11.17 14.09
N LEU A 369 25.30 -11.45 14.59
CA LEU A 369 26.28 -12.17 13.78
C LEU A 369 25.95 -13.65 13.62
N ALA A 370 25.08 -14.20 14.47
CA ALA A 370 24.75 -15.62 14.37
C ALA A 370 24.08 -15.94 13.04
N GLU A 371 23.09 -15.13 12.65
CA GLU A 371 22.45 -15.30 11.37
C GLU A 371 23.31 -14.83 10.20
N SER A 372 24.24 -13.90 10.46
CA SER A 372 25.05 -13.36 9.37
C SER A 372 25.90 -14.44 8.72
N ARG A 373 26.51 -15.31 9.54
CA ARG A 373 27.30 -16.41 8.97
C ARG A 373 26.42 -17.35 8.16
N VAL A 374 25.15 -17.50 8.55
CA VAL A 374 24.24 -18.32 7.75
C VAL A 374 23.95 -17.64 6.43
N GLN A 375 23.82 -16.31 6.44
CA GLN A 375 23.50 -15.58 5.21
C GLN A 375 24.60 -15.75 4.17
N ARG A 376 25.86 -15.57 4.57
CA ARG A 376 26.95 -15.74 3.63
C ARG A 376 27.25 -17.21 3.33
N SER A 377 26.73 -18.14 4.13
CA SER A 377 26.85 -19.55 3.78
C SER A 377 25.86 -19.94 2.69
N ILE A 378 24.65 -19.38 2.71
CA ILE A 378 23.64 -19.71 1.71
C ILE A 378 23.90 -18.94 0.43
N ARG A 379 23.33 -19.44 -0.67
CA ARG A 379 23.47 -18.84 -1.99
C ARG A 379 22.21 -18.05 -2.32
N LEU A 380 22.38 -16.79 -2.71
CA LEU A 380 21.26 -15.95 -3.13
C LEU A 380 20.82 -16.39 -4.52
N VAL A 381 19.67 -17.06 -4.59
CA VAL A 381 19.16 -17.56 -5.86
C VAL A 381 18.56 -16.40 -6.65
N SER A 382 18.83 -16.39 -7.95
CA SER A 382 18.43 -15.29 -8.81
C SER A 382 16.92 -15.30 -9.04
N VAL A 383 16.46 -14.27 -9.74
CA VAL A 383 15.02 -14.08 -9.93
C VAL A 383 14.45 -15.12 -10.90
N LEU A 384 15.07 -15.24 -12.07
CA LEU A 384 14.50 -16.06 -13.14
C LEU A 384 14.52 -17.56 -12.79
N GLU A 385 15.38 -17.99 -11.88
CA GLU A 385 15.44 -19.40 -11.54
C GLU A 385 14.20 -19.86 -10.79
N LEU A 386 13.44 -18.95 -10.20
CA LEU A 386 12.16 -19.33 -9.59
C LEU A 386 11.13 -19.69 -10.64
N LEU A 387 11.00 -18.86 -11.68
CA LEU A 387 9.92 -19.05 -12.64
C LEU A 387 10.10 -20.29 -13.51
N ARG A 388 11.27 -20.92 -13.51
CA ARG A 388 11.52 -22.16 -14.23
C ARG A 388 11.73 -23.36 -13.33
N ALA A 389 11.71 -23.18 -11.99
CA ALA A 389 11.98 -24.28 -11.07
C ALA A 389 10.71 -25.09 -10.85
N PRO A 390 10.69 -26.42 -11.05
CA PRO A 390 9.44 -27.17 -10.87
C PRO A 390 8.97 -27.23 -9.43
N TYR A 391 9.84 -27.01 -8.46
CA TYR A 391 9.44 -27.07 -7.05
C TYR A 391 8.67 -25.82 -6.62
N VAL A 392 8.62 -24.78 -7.45
CA VAL A 392 7.82 -23.59 -7.18
C VAL A 392 6.82 -23.38 -8.31
N ARG A 393 6.34 -24.48 -8.89
CA ARG A 393 5.42 -24.38 -10.02
C ARG A 393 4.11 -23.71 -9.60
N TRP A 394 3.47 -24.23 -8.54
CA TRP A 394 2.29 -23.61 -7.94
C TRP A 394 2.62 -22.82 -6.68
N GLN A 395 3.79 -22.19 -6.63
CA GLN A 395 4.14 -21.31 -5.52
C GLN A 395 4.51 -19.90 -5.98
N VAL A 396 5.11 -19.77 -7.17
CA VAL A 396 5.24 -18.45 -7.77
C VAL A 396 3.88 -17.94 -8.22
N VAL A 397 3.05 -18.82 -8.78
CA VAL A 397 1.75 -18.39 -9.26
C VAL A 397 0.75 -18.17 -8.14
N THR A 398 0.98 -18.73 -6.95
CA THR A 398 0.05 -18.57 -5.84
C THR A 398 0.42 -17.42 -4.92
N VAL A 399 1.70 -17.01 -4.89
CA VAL A 399 2.05 -15.81 -4.14
C VAL A 399 1.59 -14.56 -4.88
N ILE A 400 1.63 -14.57 -6.21
CA ILE A 400 1.17 -13.40 -6.96
C ILE A 400 -0.34 -13.26 -6.86
N VAL A 401 -1.09 -14.36 -6.95
CA VAL A 401 -2.55 -14.26 -6.86
C VAL A 401 -3.01 -14.00 -5.44
N THR A 402 -2.19 -14.29 -4.44
CA THR A 402 -2.53 -13.86 -3.09
C THR A 402 -2.58 -12.35 -3.00
N MET A 403 -1.73 -11.64 -3.77
CA MET A 403 -1.67 -10.19 -3.76
C MET A 403 -2.08 -9.58 -5.10
N ALA A 404 -2.34 -10.38 -6.13
CA ALA A 404 -3.12 -9.86 -7.24
C ALA A 404 -4.54 -9.58 -6.76
N CYS A 405 -5.02 -10.34 -5.78
CA CYS A 405 -6.27 -10.10 -5.09
C CYS A 405 -6.11 -9.17 -3.89
N TYR A 406 -5.08 -8.33 -3.90
CA TYR A 406 -4.88 -7.24 -2.95
C TYR A 406 -5.18 -5.88 -3.56
N GLN A 407 -4.88 -5.70 -4.84
CA GLN A 407 -5.21 -4.49 -5.59
C GLN A 407 -6.47 -4.65 -6.43
N LEU A 408 -6.67 -5.80 -7.07
CA LEU A 408 -7.94 -6.08 -7.74
C LEU A 408 -9.04 -6.45 -6.76
N CYS A 409 -8.74 -6.51 -5.46
CA CYS A 409 -9.80 -6.66 -4.47
C CYS A 409 -10.79 -5.50 -4.55
N GLY A 410 -10.35 -4.35 -5.04
CA GLY A 410 -11.20 -3.22 -5.33
C GLY A 410 -11.09 -2.09 -4.33
N LEU A 411 -10.49 -2.33 -3.16
CA LEU A 411 -10.45 -1.28 -2.14
C LEU A 411 -9.67 -0.07 -2.61
N ASN A 412 -8.57 -0.29 -3.33
CA ASN A 412 -7.82 0.83 -3.88
C ASN A 412 -8.67 1.66 -4.82
N ALA A 413 -9.54 1.00 -5.60
CA ALA A 413 -10.50 1.74 -6.41
C ALA A 413 -11.47 2.52 -5.53
N ILE A 414 -11.89 1.94 -4.40
CA ILE A 414 -12.79 2.65 -3.49
C ILE A 414 -12.06 3.92 -3.11
N TRP A 415 -10.87 3.79 -2.49
CA TRP A 415 -10.18 4.98 -2.00
C TRP A 415 -10.01 6.01 -3.12
N PHE A 416 -9.61 5.53 -4.30
CA PHE A 416 -9.29 6.41 -5.42
C PHE A 416 -10.50 7.25 -5.83
N TYR A 417 -11.57 6.58 -6.27
CA TYR A 417 -12.63 7.20 -7.04
C TYR A 417 -13.90 7.33 -6.19
N THR A 418 -13.74 7.65 -4.90
CA THR A 418 -14.86 7.58 -3.98
C THR A 418 -15.91 8.64 -4.28
N ASN A 419 -15.48 9.84 -4.68
CA ASN A 419 -16.44 10.89 -4.96
C ASN A 419 -17.39 10.50 -6.08
N SER A 420 -16.85 9.88 -7.14
CA SER A 420 -17.69 9.50 -8.26
C SER A 420 -18.68 8.40 -7.87
N ILE A 421 -18.20 7.37 -7.18
CA ILE A 421 -19.03 6.18 -6.99
C ILE A 421 -20.19 6.46 -6.05
N PHE A 422 -19.96 7.24 -4.99
CA PHE A 422 -21.05 7.56 -4.06
C PHE A 422 -22.10 8.43 -4.75
N GLY A 423 -21.68 9.27 -5.69
CA GLY A 423 -22.63 10.16 -6.34
C GLY A 423 -23.68 9.41 -7.14
N LYS A 424 -23.26 8.36 -7.85
CA LYS A 424 -24.18 7.60 -8.68
C LYS A 424 -25.08 6.66 -7.88
N ALA A 425 -24.81 6.45 -6.60
CA ALA A 425 -25.65 5.56 -5.78
C ALA A 425 -26.74 6.34 -5.05
N GLY A 426 -27.46 7.18 -5.80
CA GLY A 426 -28.63 7.86 -5.27
C GLY A 426 -28.40 8.74 -4.06
N ILE A 427 -27.15 9.11 -3.78
CA ILE A 427 -26.82 9.88 -2.58
C ILE A 427 -27.28 11.32 -2.81
N PRO A 428 -27.77 12.03 -1.78
CA PRO A 428 -28.05 13.46 -1.98
C PRO A 428 -26.77 14.22 -2.24
N PRO A 429 -26.81 15.29 -3.05
CA PRO A 429 -25.60 16.09 -3.26
C PRO A 429 -25.27 16.92 -2.03
N ALA A 430 -24.12 17.60 -2.11
CA ALA A 430 -23.67 18.55 -1.09
C ALA A 430 -23.41 17.90 0.26
N LYS A 431 -23.27 16.57 0.29
CA LYS A 431 -22.93 15.86 1.52
C LYS A 431 -21.97 14.70 1.28
N ILE A 432 -21.46 14.53 0.05
CA ILE A 432 -20.61 13.39 -0.25
C ILE A 432 -19.40 13.45 0.68
N PRO A 433 -18.61 14.53 0.72
CA PRO A 433 -17.49 14.54 1.67
C PRO A 433 -17.93 14.41 3.12
N TYR A 434 -19.19 14.73 3.43
CA TYR A 434 -19.66 14.64 4.82
C TYR A 434 -19.90 13.21 5.26
N VAL A 435 -20.18 12.29 4.33
CA VAL A 435 -20.32 10.87 4.63
C VAL A 435 -19.08 10.08 4.28
N THR A 436 -18.14 10.66 3.55
CA THR A 436 -17.00 9.90 3.05
C THR A 436 -16.03 9.53 4.16
N LEU A 437 -15.99 10.32 5.23
CA LEU A 437 -15.01 10.08 6.30
C LEU A 437 -15.22 8.71 6.95
N SER A 438 -16.45 8.18 6.90
CA SER A 438 -16.67 6.83 7.37
C SER A 438 -15.99 5.79 6.50
N THR A 439 -15.67 6.12 5.24
CA THR A 439 -14.99 5.15 4.39
C THR A 439 -13.59 4.86 4.90
N GLY A 440 -12.88 5.90 5.35
CA GLY A 440 -11.56 5.73 5.93
C GLY A 440 -11.56 5.72 7.44
N GLY A 441 -12.68 6.08 8.06
CA GLY A 441 -12.73 6.07 9.52
C GLY A 441 -12.63 4.66 10.08
N ILE A 442 -13.48 3.75 9.56
CA ILE A 442 -13.43 2.37 10.01
C ILE A 442 -12.15 1.67 9.56
N GLU A 443 -11.51 2.16 8.49
CA GLU A 443 -10.17 1.66 8.15
C GLU A 443 -9.21 1.86 9.32
N THR A 444 -9.26 3.02 9.97
CA THR A 444 -8.44 3.22 11.17
C THR A 444 -8.93 2.36 12.32
N LEU A 445 -10.25 2.30 12.52
CA LEU A 445 -10.80 1.55 13.65
C LEU A 445 -10.56 0.05 13.49
N ALA A 446 -10.77 -0.47 12.29
CA ALA A 446 -10.58 -1.90 12.07
C ALA A 446 -9.12 -2.29 12.20
N ALA A 447 -8.19 -1.38 11.87
CA ALA A 447 -6.77 -1.71 11.94
C ALA A 447 -6.34 -1.92 13.38
N VAL A 448 -6.70 -1.00 14.28
CA VAL A 448 -6.35 -1.18 15.68
C VAL A 448 -7.08 -2.38 16.26
N PHE A 449 -8.30 -2.66 15.77
CA PHE A 449 -9.03 -3.85 16.19
C PHE A 449 -8.44 -5.12 15.61
N SER A 450 -7.58 -5.03 14.60
CA SER A 450 -7.00 -6.23 14.01
C SER A 450 -5.98 -6.90 14.91
N GLY A 451 -5.50 -6.19 15.95
CA GLY A 451 -4.51 -6.79 16.83
C GLY A 451 -5.02 -7.98 17.60
N LEU A 452 -6.31 -7.98 17.95
CA LEU A 452 -6.90 -9.08 18.68
C LEU A 452 -7.32 -10.24 17.80
N VAL A 453 -7.28 -10.08 16.48
CA VAL A 453 -7.79 -11.09 15.55
C VAL A 453 -6.67 -12.00 15.04
N ILE A 454 -5.49 -11.42 14.77
CA ILE A 454 -4.43 -12.19 14.11
C ILE A 454 -3.97 -13.34 14.99
N GLU A 455 -3.68 -13.07 16.25
CA GLU A 455 -3.16 -14.11 17.13
C GLU A 455 -4.24 -15.12 17.49
N HIS A 456 -5.47 -14.65 17.71
CA HIS A 456 -6.52 -15.55 18.18
C HIS A 456 -7.01 -16.47 17.08
N LEU A 457 -7.08 -15.97 15.84
CA LEU A 457 -7.58 -16.75 14.70
C LEU A 457 -6.47 -17.39 13.89
N GLY A 458 -5.37 -16.66 13.65
CA GLY A 458 -4.23 -17.17 12.92
C GLY A 458 -3.96 -16.37 11.66
N ARG A 459 -3.67 -17.07 10.56
CA ARG A 459 -3.51 -16.45 9.26
C ARG A 459 -4.35 -17.10 8.15
N ARG A 460 -4.74 -18.36 8.28
CA ARG A 460 -5.51 -19.03 7.24
C ARG A 460 -6.98 -18.58 7.26
N PRO A 461 -7.72 -18.80 8.35
CA PRO A 461 -9.18 -18.68 8.25
C PRO A 461 -9.66 -17.27 8.00
N LEU A 462 -8.99 -16.25 8.53
CA LEU A 462 -9.41 -14.88 8.28
C LEU A 462 -9.03 -14.43 6.88
N LEU A 463 -7.88 -14.87 6.37
CA LEU A 463 -7.51 -14.55 4.99
C LEU A 463 -8.48 -15.18 4.02
N ILE A 464 -8.70 -16.49 4.13
CA ILE A 464 -9.63 -17.16 3.23
C ILE A 464 -11.07 -16.75 3.56
N GLY A 465 -11.38 -16.56 4.85
CA GLY A 465 -12.72 -16.15 5.22
C GLY A 465 -12.99 -14.68 5.01
N GLY A 466 -11.94 -13.85 4.95
CA GLY A 466 -12.15 -12.44 4.68
C GLY A 466 -12.69 -12.18 3.28
N PHE A 467 -12.10 -12.84 2.27
CA PHE A 467 -12.55 -12.64 0.90
C PHE A 467 -13.98 -13.10 0.72
N GLY A 468 -14.32 -14.28 1.25
CA GLY A 468 -15.67 -14.79 1.09
C GLY A 468 -16.70 -13.96 1.82
N LEU A 469 -16.31 -13.33 2.92
CA LEU A 469 -17.24 -12.48 3.66
C LEU A 469 -17.67 -11.29 2.81
N MET A 470 -16.74 -10.69 2.07
CA MET A 470 -17.06 -9.53 1.26
C MET A 470 -17.49 -9.89 -0.16
N GLY A 471 -17.34 -11.15 -0.56
CA GLY A 471 -17.89 -11.58 -1.84
C GLY A 471 -19.39 -11.44 -1.89
N LEU A 472 -20.07 -11.81 -0.79
CA LEU A 472 -21.51 -11.60 -0.71
C LEU A 472 -21.85 -10.12 -0.65
N PHE A 473 -21.01 -9.31 0.01
CA PHE A 473 -21.34 -7.91 0.19
C PHE A 473 -21.29 -7.14 -1.12
N PHE A 474 -20.45 -7.56 -2.06
CA PHE A 474 -20.48 -6.97 -3.39
C PHE A 474 -21.84 -7.20 -4.04
N GLY A 475 -22.39 -8.41 -3.86
CA GLY A 475 -23.72 -8.67 -4.37
C GLY A 475 -24.77 -7.77 -3.75
N THR A 476 -24.73 -7.63 -2.41
CA THR A 476 -25.67 -6.74 -1.75
C THR A 476 -25.44 -5.29 -2.16
N LEU A 477 -24.17 -4.92 -2.38
CA LEU A 477 -23.87 -3.58 -2.88
C LEU A 477 -24.52 -3.37 -4.25
N THR A 478 -24.41 -4.37 -5.13
CA THR A 478 -24.98 -4.23 -6.46
C THR A 478 -26.49 -4.21 -6.42
N ILE A 479 -27.11 -4.86 -5.44
CA ILE A 479 -28.56 -4.77 -5.29
C ILE A 479 -28.96 -3.33 -4.99
N THR A 480 -28.22 -2.68 -4.09
CA THR A 480 -28.53 -1.28 -3.78
C THR A 480 -28.29 -0.38 -4.98
N LEU A 481 -27.19 -0.60 -5.69
CA LEU A 481 -26.85 0.28 -6.82
C LEU A 481 -27.83 0.09 -7.98
N THR A 482 -28.44 -1.08 -8.10
CA THR A 482 -29.40 -1.30 -9.18
C THR A 482 -30.75 -0.64 -8.89
N LEU A 483 -31.22 -0.71 -7.64
CA LEU A 483 -32.57 -0.25 -7.33
C LEU A 483 -32.61 1.26 -7.14
N GLN A 484 -31.97 1.74 -6.08
CA GLN A 484 -31.73 3.17 -5.83
C GLN A 484 -33.00 4.02 -5.62
N ASP A 485 -34.20 3.42 -5.68
CA ASP A 485 -35.43 4.22 -5.71
C ASP A 485 -36.58 3.67 -4.88
N HIS A 486 -36.55 2.40 -4.46
CA HIS A 486 -37.74 1.82 -3.85
C HIS A 486 -38.01 2.42 -2.47
N ALA A 487 -36.98 2.80 -1.73
CA ALA A 487 -37.13 3.45 -0.44
C ALA A 487 -36.08 4.54 -0.30
N PRO A 488 -36.35 5.59 0.49
CA PRO A 488 -35.31 6.61 0.71
C PRO A 488 -34.10 6.10 1.47
N TRP A 489 -34.23 4.98 2.18
CA TRP A 489 -33.11 4.39 2.91
C TRP A 489 -32.25 3.47 2.05
N VAL A 490 -32.63 3.24 0.79
CA VAL A 490 -31.79 2.41 -0.08
C VAL A 490 -30.42 3.06 -0.30
N PRO A 491 -30.30 4.34 -0.63
CA PRO A 491 -28.96 4.96 -0.64
C PRO A 491 -28.27 4.90 0.71
N TYR A 492 -29.01 5.03 1.82
CA TYR A 492 -28.41 4.81 3.13
C TYR A 492 -28.13 3.33 3.37
N LEU A 493 -28.78 2.43 2.64
CA LEU A 493 -28.37 1.03 2.64
C LEU A 493 -27.14 0.81 1.78
N SER A 494 -26.98 1.62 0.72
CA SER A 494 -25.80 1.47 -0.14
C SER A 494 -24.52 1.77 0.61
N ILE A 495 -24.50 2.84 1.40
CA ILE A 495 -23.29 3.22 2.13
C ILE A 495 -22.93 2.16 3.16
N VAL A 496 -23.94 1.54 3.79
CA VAL A 496 -23.66 0.49 4.77
C VAL A 496 -22.93 -0.68 4.11
N GLY A 497 -23.27 -0.98 2.87
CA GLY A 497 -22.57 -2.04 2.16
C GLY A 497 -21.10 -1.74 1.98
N ILE A 498 -20.77 -0.49 1.66
CA ILE A 498 -19.38 -0.12 1.46
C ILE A 498 -18.60 -0.27 2.76
N LEU A 499 -19.17 0.19 3.87
CA LEU A 499 -18.44 0.13 5.14
C LEU A 499 -18.15 -1.30 5.56
N ALA A 500 -19.01 -2.24 5.17
CA ALA A 500 -18.71 -3.65 5.44
C ALA A 500 -17.49 -4.12 4.66
N ILE A 501 -17.27 -3.56 3.47
CA ILE A 501 -16.15 -4.00 2.65
C ILE A 501 -14.83 -3.59 3.29
N ILE A 502 -14.72 -2.35 3.73
CA ILE A 502 -13.51 -1.90 4.41
C ILE A 502 -13.33 -2.62 5.72
N ALA A 503 -14.42 -2.81 6.47
CA ALA A 503 -14.33 -3.54 7.73
C ALA A 503 -13.88 -4.98 7.50
N SER A 504 -14.31 -5.59 6.40
CA SER A 504 -13.88 -6.94 6.09
C SER A 504 -12.41 -6.98 5.66
N PHE A 505 -11.91 -5.88 5.10
CA PHE A 505 -10.59 -5.89 4.48
C PHE A 505 -9.49 -5.73 5.52
N CYS A 506 -9.49 -4.62 6.25
CA CYS A 506 -8.41 -4.34 7.19
C CYS A 506 -8.37 -5.39 8.30
N SER A 507 -9.54 -5.78 8.81
CA SER A 507 -9.59 -6.88 9.76
C SER A 507 -9.23 -8.20 9.10
N GLY A 508 -9.60 -8.38 7.83
CA GLY A 508 -9.30 -9.58 7.10
C GLY A 508 -7.95 -9.49 6.41
N PRO A 509 -7.90 -9.56 5.06
CA PRO A 509 -6.58 -9.43 4.41
C PRO A 509 -6.08 -8.00 4.49
N GLY A 510 -5.11 -7.78 5.38
CA GLY A 510 -4.48 -6.48 5.55
C GLY A 510 -3.00 -6.58 5.27
N GLY A 511 -2.19 -6.54 6.32
CA GLY A 511 -0.78 -6.85 6.22
C GLY A 511 -0.45 -8.32 6.22
N ILE A 512 -1.45 -9.20 6.29
CA ILE A 512 -1.19 -10.64 6.31
C ILE A 512 -0.51 -11.10 5.03
N PRO A 513 -0.91 -10.68 3.82
CA PRO A 513 -0.13 -11.07 2.63
C PRO A 513 1.32 -10.63 2.66
N PHE A 514 1.62 -9.47 3.27
CA PHE A 514 3.01 -9.04 3.37
C PHE A 514 3.83 -10.02 4.20
N ILE A 515 3.28 -10.48 5.32
CA ILE A 515 3.99 -11.40 6.19
C ILE A 515 3.77 -12.86 5.82
N LEU A 516 2.72 -13.16 5.05
CA LEU A 516 2.54 -14.53 4.56
C LEU A 516 3.68 -14.93 3.63
N THR A 517 4.04 -14.05 2.70
CA THR A 517 5.11 -14.36 1.76
C THR A 517 6.47 -14.49 2.44
N GLY A 518 6.65 -13.85 3.59
CA GLY A 518 7.94 -13.95 4.28
C GLY A 518 8.26 -15.37 4.70
N GLU A 519 7.27 -16.04 5.31
CA GLU A 519 7.42 -17.43 5.70
C GLU A 519 7.00 -18.41 4.60
N PHE A 520 6.55 -17.90 3.45
CA PHE A 520 6.08 -18.79 2.40
C PHE A 520 7.24 -19.51 1.73
N PHE A 521 8.32 -18.79 1.44
CA PHE A 521 9.56 -19.36 0.92
C PHE A 521 10.56 -19.52 2.07
N GLN A 522 11.78 -19.88 1.73
CA GLN A 522 12.90 -19.92 2.67
C GLN A 522 13.82 -18.72 2.44
N GLN A 523 14.91 -18.67 3.20
CA GLN A 523 15.78 -17.51 3.21
C GLN A 523 16.63 -17.38 1.95
N SER A 524 16.73 -18.42 1.13
CA SER A 524 17.55 -18.33 -0.07
C SER A 524 16.87 -17.51 -1.16
N GLN A 525 15.54 -17.65 -1.30
CA GLN A 525 14.76 -16.93 -2.30
C GLN A 525 13.95 -15.78 -1.74
N ARG A 526 13.92 -15.60 -0.42
CA ARG A 526 13.15 -14.50 0.16
C ARG A 526 13.53 -13.12 -0.36
N PRO A 527 14.81 -12.74 -0.51
CA PRO A 527 15.07 -11.45 -1.16
C PRO A 527 14.59 -11.41 -2.60
N ALA A 528 14.56 -12.55 -3.29
CA ALA A 528 13.95 -12.62 -4.61
C ALA A 528 12.43 -12.71 -4.55
N ALA A 529 11.85 -12.95 -3.37
CA ALA A 529 10.40 -13.07 -3.27
C ALA A 529 9.72 -11.74 -3.60
N PHE A 530 10.19 -10.65 -3.01
CA PHE A 530 9.57 -9.36 -3.25
C PHE A 530 9.92 -8.78 -4.62
N ILE A 531 10.91 -9.34 -5.32
CA ILE A 531 11.18 -8.90 -6.68
C ILE A 531 10.02 -9.31 -7.60
N ILE A 532 9.57 -10.56 -7.50
CA ILE A 532 8.40 -10.98 -8.27
C ILE A 532 7.12 -10.46 -7.63
N ALA A 533 7.07 -10.33 -6.31
CA ALA A 533 5.83 -9.89 -5.66
C ALA A 533 5.59 -8.41 -5.88
N GLY A 534 6.65 -7.60 -5.84
CA GLY A 534 6.47 -6.17 -6.01
C GLY A 534 6.04 -5.79 -7.42
N THR A 535 6.57 -6.46 -8.43
CA THR A 535 6.25 -6.12 -9.81
C THR A 535 4.78 -6.37 -10.10
N VAL A 536 4.23 -7.49 -9.64
CA VAL A 536 2.81 -7.77 -9.83
C VAL A 536 1.95 -6.87 -8.96
N ASN A 537 2.49 -6.39 -7.83
CA ASN A 537 1.72 -5.51 -6.96
C ASN A 537 1.36 -4.23 -7.68
N TRP A 538 2.32 -3.61 -8.36
CA TRP A 538 2.09 -2.29 -8.93
C TRP A 538 1.50 -2.35 -10.33
N LEU A 539 1.82 -3.38 -11.12
CA LEU A 539 1.13 -3.55 -12.39
C LEU A 539 -0.35 -3.81 -12.16
N SER A 540 -0.68 -4.59 -11.14
CA SER A 540 -2.08 -4.81 -10.78
C SER A 540 -2.73 -3.52 -10.29
N ASN A 541 -2.03 -2.74 -9.45
CA ASN A 541 -2.55 -1.45 -9.04
C ASN A 541 -2.72 -0.52 -10.23
N PHE A 542 -1.79 -0.59 -11.18
CA PHE A 542 -1.96 0.14 -12.43
C PHE A 542 -3.19 -0.34 -13.19
N ALA A 543 -3.45 -1.65 -13.15
CA ALA A 543 -4.57 -2.20 -13.89
C ALA A 543 -5.91 -1.75 -13.29
N VAL A 544 -6.06 -1.85 -11.97
CA VAL A 544 -7.34 -1.53 -11.36
C VAL A 544 -7.63 -0.03 -11.47
N GLY A 545 -6.58 0.80 -11.36
CA GLY A 545 -6.79 2.23 -11.50
C GLY A 545 -7.17 2.62 -12.91
N LEU A 546 -6.56 1.99 -13.91
CA LEU A 546 -6.78 2.43 -15.28
C LEU A 546 -8.16 2.03 -15.78
N LEU A 547 -8.60 0.81 -15.49
CA LEU A 547 -9.81 0.27 -16.10
C LEU A 547 -11.08 0.54 -15.30
N PHE A 548 -10.97 1.08 -14.08
CA PHE A 548 -12.19 1.35 -13.31
C PHE A 548 -13.10 2.37 -13.98
N PRO A 549 -12.65 3.56 -14.40
CA PRO A 549 -13.62 4.52 -14.97
C PRO A 549 -14.21 4.05 -16.28
N PHE A 550 -13.49 3.24 -17.04
CA PHE A 550 -14.05 2.70 -18.27
C PHE A 550 -15.20 1.75 -17.97
N ILE A 551 -15.07 0.98 -16.88
CA ILE A 551 -16.14 0.05 -16.50
C ILE A 551 -17.37 0.82 -16.04
N GLN A 552 -17.17 1.94 -15.33
CA GLN A 552 -18.30 2.73 -14.84
C GLN A 552 -19.14 3.27 -15.99
N LYS A 553 -18.49 3.83 -17.01
CA LYS A 553 -19.21 4.41 -18.13
C LYS A 553 -19.86 3.37 -19.03
N SER A 554 -19.42 2.11 -18.95
CA SER A 554 -19.91 1.04 -19.81
C SER A 554 -20.93 0.15 -19.12
N LEU A 555 -20.57 -0.42 -17.96
CA LEU A 555 -21.47 -1.31 -17.25
C LEU A 555 -22.46 -0.57 -16.35
N ASP A 556 -22.31 0.75 -16.18
CA ASP A 556 -23.29 1.56 -15.47
C ASP A 556 -23.47 1.09 -14.02
N THR A 557 -24.48 0.25 -13.74
CA THR A 557 -24.78 -0.18 -12.38
C THR A 557 -24.24 -1.56 -12.07
N TYR A 558 -23.90 -2.36 -13.09
CA TYR A 558 -23.33 -3.69 -12.90
C TYR A 558 -21.81 -3.66 -12.91
N CYS A 559 -21.22 -2.54 -12.47
CA CYS A 559 -19.78 -2.36 -12.59
C CYS A 559 -19.00 -3.23 -11.61
N PHE A 560 -19.61 -3.57 -10.47
CA PHE A 560 -18.94 -4.39 -9.47
C PHE A 560 -19.06 -5.88 -9.71
N LEU A 561 -19.84 -6.32 -10.71
CA LEU A 561 -19.91 -7.74 -11.02
C LEU A 561 -18.54 -8.25 -11.44
N VAL A 562 -17.82 -7.48 -12.25
CA VAL A 562 -16.45 -7.85 -12.62
C VAL A 562 -15.58 -7.88 -11.37
N PHE A 563 -15.73 -6.88 -10.49
CA PHE A 563 -15.00 -6.90 -9.23
C PHE A 563 -15.42 -8.06 -8.36
N ALA A 564 -16.68 -8.52 -8.49
CA ALA A 564 -17.13 -9.68 -7.73
C ALA A 564 -16.47 -10.96 -8.23
N THR A 565 -16.34 -11.09 -9.56
CA THR A 565 -15.80 -12.33 -10.12
C THR A 565 -14.34 -12.55 -9.72
N ILE A 566 -13.55 -11.48 -9.72
CA ILE A 566 -12.13 -11.63 -9.39
C ILE A 566 -11.96 -11.97 -7.93
N CYS A 567 -12.78 -11.38 -7.05
CA CYS A 567 -12.58 -11.57 -5.62
C CYS A 567 -12.98 -12.97 -5.19
N ILE A 568 -14.11 -13.47 -5.68
CA ILE A 568 -14.48 -14.85 -5.38
C ILE A 568 -13.49 -15.83 -6.01
N THR A 569 -12.87 -15.44 -7.12
CA THR A 569 -11.85 -16.29 -7.72
C THR A 569 -10.68 -16.48 -6.76
N GLY A 570 -10.28 -15.43 -6.08
CA GLY A 570 -9.26 -15.57 -5.05
C GLY A 570 -9.70 -16.48 -3.92
N ALA A 571 -10.99 -16.45 -3.59
CA ALA A 571 -11.50 -17.34 -2.55
C ALA A 571 -11.40 -18.80 -2.98
N ILE A 572 -11.76 -19.09 -4.24
CA ILE A 572 -11.71 -20.47 -4.72
C ILE A 572 -10.26 -20.94 -4.83
N TYR A 573 -9.40 -20.11 -5.43
CA TYR A 573 -8.03 -20.54 -5.70
C TYR A 573 -7.25 -20.76 -4.41
N LEU A 574 -7.38 -19.85 -3.45
CA LEU A 574 -6.60 -19.93 -2.22
C LEU A 574 -7.15 -20.98 -1.25
N TYR A 575 -8.42 -21.38 -1.40
CA TYR A 575 -8.98 -22.38 -0.50
C TYR A 575 -8.30 -23.73 -0.67
N PHE A 576 -8.13 -24.17 -1.92
CA PHE A 576 -7.66 -25.52 -2.20
C PHE A 576 -6.15 -25.67 -2.09
N VAL A 577 -5.40 -24.55 -2.03
CA VAL A 577 -3.95 -24.58 -2.10
C VAL A 577 -3.32 -24.25 -0.74
N LEU A 578 -3.73 -23.15 -0.14
CA LEU A 578 -3.05 -22.65 1.06
C LEU A 578 -3.46 -23.48 2.28
N PRO A 579 -2.50 -24.12 3.00
CA PRO A 579 -2.84 -24.72 4.31
C PRO A 579 -2.65 -23.73 5.44
N GLU A 580 -2.90 -24.17 6.67
CA GLU A 580 -2.64 -23.32 7.83
C GLU A 580 -1.16 -22.93 7.88
N THR A 581 -0.91 -21.65 8.21
CA THR A 581 0.44 -21.12 8.31
C THR A 581 0.79 -20.56 9.69
N LYS A 582 -0.20 -20.35 10.56
CA LYS A 582 0.07 -19.80 11.87
C LYS A 582 0.95 -20.76 12.66
N ASN A 583 1.86 -20.21 13.47
CA ASN A 583 2.57 -20.94 14.53
C ASN A 583 3.23 -22.24 14.07
N ARG A 584 3.61 -22.34 12.79
CA ARG A 584 4.26 -23.53 12.27
C ARG A 584 5.50 -23.12 11.47
N THR A 585 6.57 -23.89 11.65
CA THR A 585 7.85 -23.66 11.00
C THR A 585 7.78 -24.13 9.54
N TYR A 586 8.80 -23.74 8.75
CA TYR A 586 8.84 -24.01 7.31
C TYR A 586 8.72 -25.49 6.96
N ALA A 587 9.03 -26.40 7.89
CA ALA A 587 9.12 -27.81 7.55
C ALA A 587 7.79 -28.35 7.02
N GLU A 588 6.71 -28.15 7.77
CA GLU A 588 5.40 -28.61 7.31
C GLU A 588 4.80 -27.65 6.28
N ILE A 589 5.27 -26.40 6.24
CA ILE A 589 4.85 -25.52 5.16
C ILE A 589 5.35 -26.07 3.82
N SER A 590 6.58 -26.57 3.79
CA SER A 590 7.09 -27.21 2.59
C SER A 590 6.46 -28.58 2.39
N GLN A 591 6.37 -29.38 3.46
CA GLN A 591 5.84 -30.73 3.33
C GLN A 591 4.37 -30.71 2.95
N ALA A 592 3.59 -29.78 3.50
CA ALA A 592 2.19 -29.65 3.09
C ALA A 592 2.09 -29.29 1.62
N PHE A 593 2.95 -28.39 1.15
CA PHE A 593 2.91 -27.99 -0.25
C PHE A 593 3.48 -29.06 -1.16
N SER A 594 4.45 -29.85 -0.67
CA SER A 594 5.06 -30.87 -1.50
C SER A 594 4.04 -31.91 -1.95
N LYS A 595 3.05 -32.19 -1.11
CA LYS A 595 1.97 -33.10 -1.51
C LYS A 595 1.23 -32.54 -2.72
N ARG A 596 0.79 -31.28 -2.64
CA ARG A 596 0.05 -30.69 -3.74
C ARG A 596 0.92 -30.55 -4.97
N ASN A 597 2.21 -30.31 -4.80
CA ASN A 597 3.13 -30.05 -5.90
C ASN A 597 3.71 -31.30 -6.53
N LYS A 598 3.60 -32.45 -5.85
CA LYS A 598 4.45 -33.62 -6.09
C LYS A 598 5.89 -33.20 -6.37
N ALA A 599 6.40 -32.28 -5.54
CA ALA A 599 7.60 -31.54 -5.89
C ALA A 599 8.82 -32.44 -6.01
N TYR A 600 9.30 -32.97 -4.87
CA TYR A 600 10.36 -33.97 -4.72
C TYR A 600 11.43 -33.90 -5.81
N PRO A 601 12.10 -32.76 -6.00
CA PRO A 601 13.06 -32.62 -7.10
C PRO A 601 14.31 -33.46 -6.90
#